data_3P8K
#
_entry.id   3P8K
#
_cell.length_a   58.580
_cell.length_b   61.980
_cell.length_c   155.160
_cell.angle_alpha   90.00
_cell.angle_beta   90.00
_cell.angle_gamma   90.00
#
_symmetry.space_group_name_H-M   'P 21 21 21'
#
loop_
_entity.id
_entity.type
_entity.pdbx_description
1 polymer 'Hydrolase, carbon-nitrogen family'
2 non-polymer 2-AMINO-2-HYDROXYMETHYL-PROPANE-1,3-DIOL
3 non-polymer 'CHLORIDE ION'
4 non-polymer DI(HYDROXYETHYL)ETHER
5 non-polymer 'TRIETHYLENE GLYCOL'
6 non-polymer GLYCEROL
7 water water
#
_entity_poly.entity_id   1
_entity_poly.type   'polypeptide(L)'
_entity_poly.pdbx_seq_one_letter_code
;(MSE)GSSHHHHHHSSGLVPRGSH(MSE)KVQIYQLPIVFGDSSKNETQITQWFEKN(MSE)NAEVDVVVLPE(MSE)WN
NGYDLEHLNEKADNNLGQSFSFIKHLAEKYKVDIVAGSVSNIRNNQIFNTAFSVNKSGQLINEYDKVHLVP(MSE)LREH
EFLTAGEYVAEPFQLSDGTYVTQLICYDLRFPELLRYPARSGAKIAFYVAQWP(MSE)SRLQHWHSLLKARAIENN
(MSE)FVIGTNSTGFDGNTEYAGHSIVINPNGDLVGELNESADILTVDLNLNEVEQQRENIPVFKSIKLDLYK
;
_entity_poly.pdbx_strand_id   A,B
#
loop_
_chem_comp.id
_chem_comp.type
_chem_comp.name
_chem_comp.formula
CL non-polymer 'CHLORIDE ION' 'Cl -1'
GOL non-polymer GLYCEROL 'C3 H8 O3'
PEG non-polymer DI(HYDROXYETHYL)ETHER 'C4 H10 O3'
PGE non-polymer 'TRIETHYLENE GLYCOL' 'C6 H14 O4'
TRS non-polymer 2-AMINO-2-HYDROXYMETHYL-PROPANE-1,3-DIOL 'C4 H12 N O3 1'
#
# COMPACT_ATOMS: atom_id res chain seq x y z
N LEU A 14 -11.51 6.79 33.37
CA LEU A 14 -10.10 6.63 32.99
C LEU A 14 -9.78 5.21 32.53
N VAL A 15 -8.78 5.08 31.64
CA VAL A 15 -8.29 3.82 31.10
C VAL A 15 -6.78 3.79 31.32
N PRO A 16 -6.10 2.62 31.47
CA PRO A 16 -4.66 2.64 31.70
C PRO A 16 -3.88 3.44 30.65
N ARG A 17 -2.87 4.17 31.15
CA ARG A 17 -2.01 4.99 30.31
C ARG A 17 -1.42 4.08 29.22
N GLY A 18 -1.50 4.53 27.98
CA GLY A 18 -1.00 3.77 26.84
C GLY A 18 -2.11 3.15 26.01
N SER A 19 -3.35 3.13 26.54
CA SER A 19 -4.48 2.59 25.78
C SER A 19 -5.26 3.67 25.06
N HIS A 20 -5.10 4.94 25.48
CA HIS A 20 -5.79 6.05 24.85
C HIS A 20 -4.92 7.28 24.60
N MSE A 21 -5.27 8.01 23.54
CA MSE A 21 -4.61 9.25 23.14
C MSE A 21 -5.61 10.15 22.45
O MSE A 21 -6.36 9.70 21.57
CB MSE A 21 -3.41 8.94 22.25
CG MSE A 21 -2.62 10.15 21.86
SE MSE A 21 -1.18 9.64 20.67
CE MSE A 21 -0.16 8.54 21.85
N LYS A 22 -5.59 11.46 22.81
CA LYS A 22 -6.42 12.43 22.15
C LYS A 22 -5.48 13.25 21.25
N VAL A 23 -5.77 13.31 19.95
CA VAL A 23 -4.94 14.04 18.98
C VAL A 23 -5.70 15.13 18.25
N GLN A 24 -5.10 16.34 18.18
CA GLN A 24 -5.63 17.43 17.39
C GLN A 24 -4.79 17.55 16.12
N ILE A 25 -5.47 17.71 14.98
CA ILE A 25 -4.80 17.83 13.68
C ILE A 25 -5.09 19.22 13.17
N TYR A 26 -4.05 20.03 12.93
CA TYR A 26 -4.26 21.39 12.44
C TYR A 26 -4.13 21.47 10.91
N GLN A 27 -5.27 21.42 10.20
CA GLN A 27 -5.29 21.53 8.75
C GLN A 27 -5.21 23.02 8.43
N LEU A 28 -3.98 23.53 8.38
CA LEU A 28 -3.67 24.95 8.18
C LEU A 28 -3.49 25.36 6.74
N PRO A 29 -3.95 26.60 6.36
CA PRO A 29 -3.58 27.15 5.05
C PRO A 29 -2.19 27.83 5.19
N ILE A 30 -1.11 27.14 4.78
CA ILE A 30 0.26 27.64 4.93
C ILE A 30 0.56 28.85 4.04
N VAL A 31 1.01 29.94 4.67
CA VAL A 31 1.38 31.19 4.00
C VAL A 31 2.66 30.98 3.17
N PHE A 32 2.58 31.21 1.84
CA PHE A 32 3.70 31.07 0.92
C PHE A 32 4.84 32.01 1.30
N GLY A 33 6.00 31.42 1.58
CA GLY A 33 7.25 32.07 1.93
C GLY A 33 7.26 33.06 3.08
N ASP A 34 6.41 32.88 4.09
CA ASP A 34 6.41 33.82 5.21
C ASP A 34 6.39 33.14 6.56
N SER A 35 7.59 32.92 7.11
CA SER A 35 7.76 32.24 8.39
C SER A 35 7.14 32.96 9.59
N SER A 36 7.25 34.30 9.66
CA SER A 36 6.63 35.05 10.76
C SER A 36 5.09 34.92 10.77
N LYS A 37 4.44 35.03 9.61
CA LYS A 37 2.97 34.89 9.50
C LYS A 37 2.50 33.47 9.78
N ASN A 38 3.28 32.47 9.35
CA ASN A 38 2.96 31.07 9.65
C ASN A 38 3.03 30.79 11.14
N GLU A 39 4.02 31.36 11.82
CA GLU A 39 4.15 31.28 13.28
C GLU A 39 2.97 31.97 13.99
N THR A 40 2.59 33.18 13.53
CA THR A 40 1.45 33.92 14.09
C THR A 40 0.18 33.08 13.95
N GLN A 41 -0.08 32.52 12.75
CA GLN A 41 -1.24 31.67 12.51
C GLN A 41 -1.24 30.44 13.43
N ILE A 42 -0.09 29.72 13.56
CA ILE A 42 0.04 28.54 14.42
C ILE A 42 -0.25 28.90 15.90
N THR A 43 0.37 29.98 16.40
CA THR A 43 0.16 30.45 17.79
C THR A 43 -1.35 30.72 18.04
N GLN A 44 -2.02 31.37 17.08
CA GLN A 44 -3.46 31.69 17.12
C GLN A 44 -4.30 30.40 17.22
N TRP A 45 -3.92 29.37 16.44
CA TRP A 45 -4.61 28.08 16.43
C TRP A 45 -4.44 27.35 17.76
N PHE A 46 -3.26 27.42 18.39
CA PHE A 46 -3.03 26.81 19.71
C PHE A 46 -3.89 27.51 20.80
N GLU A 47 -3.91 28.86 20.76
CA GLU A 47 -4.68 29.71 21.68
C GLU A 47 -6.18 29.41 21.62
N LYS A 48 -6.75 29.39 20.41
CA LYS A 48 -8.16 29.13 20.14
C LYS A 48 -8.59 27.67 20.38
N ASN A 49 -7.75 26.70 19.98
CA ASN A 49 -8.12 25.29 19.99
C ASN A 49 -7.68 24.37 21.11
N MSE A 50 -6.53 24.64 21.75
CA MSE A 50 -6.03 23.75 22.80
C MSE A 50 -6.95 23.65 24.01
O MSE A 50 -7.67 24.59 24.34
CB MSE A 50 -4.60 24.13 23.24
CG MSE A 50 -3.49 23.44 22.42
SE MSE A 50 -3.49 21.51 22.69
CE MSE A 50 -2.87 21.38 24.45
N ASN A 51 -6.94 22.46 24.62
CA ASN A 51 -7.62 22.14 25.87
C ASN A 51 -6.76 21.10 26.63
N ALA A 52 -7.02 20.97 27.95
CA ALA A 52 -6.31 20.09 28.89
C ALA A 52 -6.35 18.58 28.60
N GLU A 53 -7.19 18.12 27.66
CA GLU A 53 -7.33 16.69 27.33
C GLU A 53 -6.51 16.27 26.12
N VAL A 54 -6.06 17.24 25.31
CA VAL A 54 -5.27 16.98 24.12
C VAL A 54 -3.86 16.51 24.50
N ASP A 55 -3.43 15.35 23.95
CA ASP A 55 -2.11 14.75 24.18
C ASP A 55 -1.10 15.17 23.10
N VAL A 56 -1.57 15.30 21.84
CA VAL A 56 -0.69 15.58 20.70
C VAL A 56 -1.34 16.54 19.73
N VAL A 57 -0.53 17.47 19.18
CA VAL A 57 -0.97 18.37 18.13
C VAL A 57 -0.07 18.08 16.92
N VAL A 58 -0.66 17.99 15.72
CA VAL A 58 0.08 17.70 14.47
C VAL A 58 -0.05 18.88 13.49
N LEU A 59 1.08 19.30 12.88
CA LEU A 59 1.09 20.37 11.88
C LEU A 59 1.43 19.80 10.50
N PRO A 60 1.09 20.51 9.40
CA PRO A 60 1.42 20.01 8.07
C PRO A 60 2.89 20.17 7.69
N GLU A 61 3.24 19.63 6.50
CA GLU A 61 4.59 19.70 5.94
C GLU A 61 4.96 21.15 5.60
N MSE A 62 6.28 21.48 5.63
CA MSE A 62 6.85 22.79 5.21
C MSE A 62 6.02 24.00 5.71
O MSE A 62 5.57 24.84 4.92
CB MSE A 62 7.02 22.81 3.68
CG MSE A 62 8.03 21.75 3.17
SE MSE A 62 9.86 22.35 3.27
CE MSE A 62 10.13 22.83 1.35
N TRP A 63 5.75 24.02 7.01
CA TRP A 63 4.90 25.06 7.58
C TRP A 63 5.56 26.43 7.71
N ASN A 64 6.90 26.54 7.66
CA ASN A 64 7.53 27.86 7.76
C ASN A 64 7.49 28.67 6.48
N ASN A 65 7.94 28.11 5.34
CA ASN A 65 7.94 28.85 4.06
C ASN A 65 7.06 28.26 2.99
N GLY A 66 6.43 27.13 3.26
CA GLY A 66 5.65 26.45 2.24
C GLY A 66 6.58 26.05 1.12
N TYR A 67 6.09 26.14 -0.13
CA TYR A 67 6.88 25.77 -1.29
C TYR A 67 7.55 26.90 -2.07
N ASP A 68 8.08 27.90 -1.33
CA ASP A 68 8.82 29.02 -1.94
C ASP A 68 10.30 28.60 -2.11
N LEU A 69 10.51 27.56 -2.94
CA LEU A 69 11.80 26.93 -3.14
C LEU A 69 12.96 27.82 -3.53
N GLU A 70 12.72 28.77 -4.44
CA GLU A 70 13.78 29.65 -4.95
C GLU A 70 14.34 30.66 -3.95
N HIS A 71 13.61 30.91 -2.84
CA HIS A 71 13.98 31.85 -1.79
C HIS A 71 14.39 31.20 -0.47
N LEU A 72 14.48 29.85 -0.45
CA LEU A 72 14.86 29.11 0.76
C LEU A 72 16.27 29.37 1.24
N ASN A 73 17.20 29.72 0.33
CA ASN A 73 18.58 30.07 0.70
C ASN A 73 18.61 31.20 1.72
N GLU A 74 17.67 32.14 1.61
CA GLU A 74 17.56 33.26 2.55
C GLU A 74 16.49 33.05 3.63
N LYS A 75 15.36 32.37 3.31
CA LYS A 75 14.22 32.21 4.21
C LYS A 75 14.21 30.95 5.11
N ALA A 76 14.86 29.85 4.69
CA ALA A 76 14.85 28.63 5.50
C ALA A 76 15.46 28.82 6.90
N ASP A 77 15.14 27.91 7.81
CA ASP A 77 15.72 27.89 9.15
C ASP A 77 17.16 27.40 9.00
N ASN A 78 17.95 27.50 10.08
CA ASN A 78 19.32 27.01 10.10
C ASN A 78 19.43 26.11 11.29
N ASN A 79 19.66 24.80 11.03
CA ASN A 79 19.82 23.77 12.06
C ASN A 79 18.65 23.72 13.07
N LEU A 80 17.42 23.96 12.57
CA LEU A 80 16.17 23.98 13.33
C LEU A 80 16.14 25.07 14.43
N GLY A 81 17.09 26.01 14.42
CA GLY A 81 17.18 27.07 15.42
C GLY A 81 15.88 27.80 15.71
N GLN A 82 15.27 28.39 14.66
CA GLN A 82 14.03 29.16 14.81
C GLN A 82 12.80 28.28 15.11
N SER A 83 12.70 27.20 14.37
CA SER A 83 11.58 26.26 14.41
C SER A 83 11.52 25.49 15.70
N PHE A 84 12.63 24.97 16.17
CA PHE A 84 12.70 24.24 17.43
C PHE A 84 12.36 25.18 18.60
N SER A 85 12.98 26.40 18.66
CA SER A 85 12.66 27.35 19.73
CA SER A 85 12.66 27.35 19.73
C SER A 85 11.15 27.72 19.74
N PHE A 86 10.55 27.97 18.55
CA PHE A 86 9.13 28.29 18.39
C PHE A 86 8.24 27.16 18.95
N ILE A 87 8.50 25.92 18.51
CA ILE A 87 7.73 24.74 18.93
C ILE A 87 7.96 24.37 20.43
N LYS A 88 9.21 24.45 20.93
CA LYS A 88 9.55 24.17 22.34
C LYS A 88 8.70 25.08 23.24
N HIS A 89 8.57 26.36 22.85
CA HIS A 89 7.77 27.33 23.59
C HIS A 89 6.28 26.92 23.64
N LEU A 90 5.70 26.50 22.51
CA LEU A 90 4.28 26.08 22.47
C LEU A 90 4.06 24.77 23.24
N ALA A 91 4.98 23.79 23.08
CA ALA A 91 4.89 22.50 23.76
C ALA A 91 4.94 22.66 25.27
N GLU A 92 5.82 23.55 25.76
CA GLU A 92 5.96 23.83 27.20
C GLU A 92 4.81 24.69 27.76
N LYS A 93 4.33 25.70 27.00
CA LYS A 93 3.22 26.58 27.45
C LYS A 93 1.92 25.78 27.53
N TYR A 94 1.62 25.02 26.48
CA TYR A 94 0.38 24.26 26.37
C TYR A 94 0.46 22.83 26.92
N LYS A 95 1.64 22.43 27.46
CA LYS A 95 1.90 21.10 28.04
C LYS A 95 1.39 19.97 27.12
N VAL A 96 1.83 20.01 25.88
CA VAL A 96 1.39 19.06 24.85
C VAL A 96 2.57 18.62 23.96
N ASP A 97 2.52 17.37 23.44
CA ASP A 97 3.50 16.89 22.47
C ASP A 97 3.13 17.49 21.11
N ILE A 98 4.13 17.86 20.30
CA ILE A 98 3.83 18.42 18.99
C ILE A 98 4.61 17.66 17.93
N VAL A 99 3.87 17.04 17.00
CA VAL A 99 4.47 16.37 15.84
C VAL A 99 4.46 17.53 14.84
N ALA A 100 5.56 18.31 14.87
CA ALA A 100 5.72 19.59 14.22
C ALA A 100 5.86 19.61 12.71
N GLY A 101 5.05 18.82 12.00
CA GLY A 101 5.11 18.77 10.53
C GLY A 101 6.54 18.72 10.05
N SER A 102 6.90 19.61 9.12
CA SER A 102 8.28 19.77 8.65
C SER A 102 8.56 21.23 8.31
N VAL A 103 9.84 21.58 8.23
CA VAL A 103 10.27 22.95 7.89
C VAL A 103 11.39 22.90 6.87
N SER A 104 11.51 23.98 6.06
CA SER A 104 12.66 24.15 5.16
C SER A 104 13.85 24.48 6.08
N ASN A 105 14.92 23.69 5.98
CA ASN A 105 15.99 23.78 6.96
C ASN A 105 17.39 23.63 6.35
N ILE A 106 18.27 24.61 6.64
CA ILE A 106 19.64 24.63 6.15
C ILE A 106 20.62 24.02 7.15
N ARG A 107 21.51 23.16 6.65
CA ARG A 107 22.63 22.62 7.37
C ARG A 107 23.79 22.68 6.38
N ASN A 108 24.89 23.41 6.73
CA ASN A 108 26.09 23.53 5.88
C ASN A 108 25.80 23.83 4.42
N ASN A 109 25.02 24.88 4.15
CA ASN A 109 24.65 25.27 2.78
C ASN A 109 23.83 24.27 1.94
N GLN A 110 23.26 23.24 2.58
CA GLN A 110 22.34 22.30 1.92
C GLN A 110 20.97 22.54 2.58
N ILE A 111 19.89 22.54 1.77
CA ILE A 111 18.52 22.78 2.25
C ILE A 111 17.72 21.48 2.30
N PHE A 112 17.18 21.16 3.48
CA PHE A 112 16.41 19.94 3.69
C PHE A 112 14.95 20.26 4.00
N ASN A 113 14.10 19.28 3.81
CA ASN A 113 12.70 19.31 4.22
C ASN A 113 12.72 18.46 5.50
N THR A 114 12.81 19.12 6.66
CA THR A 114 13.05 18.48 7.95
C THR A 114 11.87 18.41 8.85
N ALA A 115 11.39 17.20 9.09
CA ALA A 115 10.30 16.95 10.04
C ALA A 115 10.90 16.87 11.41
N PHE A 116 10.19 17.33 12.44
CA PHE A 116 10.67 17.14 13.82
C PHE A 116 9.46 17.10 14.73
N SER A 117 9.69 16.59 15.92
CA SER A 117 8.68 16.49 16.97
C SER A 117 9.31 16.89 18.28
N VAL A 118 8.49 17.51 19.14
CA VAL A 118 8.94 17.95 20.46
C VAL A 118 7.92 17.48 21.51
N ASN A 119 8.39 16.89 22.63
CA ASN A 119 7.47 16.49 23.70
C ASN A 119 7.06 17.68 24.59
N LYS A 120 6.03 17.48 25.44
CA LYS A 120 5.52 18.51 26.36
C LYS A 120 6.57 19.06 27.32
N SER A 121 7.68 18.33 27.54
CA SER A 121 8.77 18.77 28.41
C SER A 121 9.85 19.61 27.65
N GLY A 122 9.54 19.95 26.40
CA GLY A 122 10.41 20.76 25.54
C GLY A 122 11.60 20.04 24.91
N GLN A 123 11.67 18.70 25.03
CA GLN A 123 12.75 17.92 24.47
C GLN A 123 12.52 17.65 22.98
N LEU A 124 13.58 17.72 22.14
CA LEU A 124 13.50 17.34 20.73
C LEU A 124 13.48 15.79 20.75
N ILE A 125 12.43 15.17 20.16
CA ILE A 125 12.25 13.71 20.15
C ILE A 125 12.41 13.04 18.79
N ASN A 126 12.40 13.83 17.70
CA ASN A 126 12.57 13.31 16.35
C ASN A 126 13.07 14.39 15.42
N GLU A 127 13.92 14.01 14.46
CA GLU A 127 14.41 14.89 13.40
C GLU A 127 14.57 14.02 12.18
N TYR A 128 13.86 14.34 11.11
CA TYR A 128 13.91 13.47 9.92
C TYR A 128 13.91 14.29 8.64
N ASP A 129 14.91 14.08 7.76
CA ASP A 129 15.01 14.79 6.48
C ASP A 129 14.28 13.98 5.43
N LYS A 130 13.33 14.60 4.71
CA LYS A 130 12.56 13.85 3.70
C LYS A 130 13.47 13.10 2.74
N VAL A 131 13.23 11.80 2.60
CA VAL A 131 14.10 10.96 1.77
C VAL A 131 13.77 11.02 0.27
N HIS A 132 12.49 11.18 -0.08
CA HIS A 132 12.00 11.13 -1.44
C HIS A 132 11.58 12.51 -1.95
N LEU A 133 12.44 13.12 -2.74
CA LEU A 133 12.15 14.42 -3.33
C LEU A 133 11.26 14.22 -4.58
N VAL A 134 10.46 15.25 -4.92
CA VAL A 134 9.54 15.24 -6.06
C VAL A 134 10.30 15.82 -7.29
N PRO A 135 10.62 14.99 -8.32
CA PRO A 135 11.38 15.53 -9.47
C PRO A 135 10.55 16.44 -10.36
N MSE A 136 9.23 16.21 -10.42
CA MSE A 136 8.34 17.02 -11.25
C MSE A 136 8.18 18.44 -10.70
O MSE A 136 8.15 19.39 -11.47
CB MSE A 136 7.00 16.32 -11.52
CG MSE A 136 7.14 15.01 -12.34
SE MSE A 136 8.08 15.11 -14.06
CE MSE A 136 9.84 14.39 -13.54
N LEU A 137 8.18 18.58 -9.34
CA LEU A 137 8.13 19.87 -8.64
C LEU A 137 9.52 20.55 -8.61
N ARG A 138 10.52 19.90 -9.24
CA ARG A 138 11.92 20.32 -9.36
C ARG A 138 12.64 20.50 -8.00
N GLU A 139 12.18 19.80 -6.95
CA GLU A 139 12.75 19.85 -5.58
C GLU A 139 14.25 19.61 -5.55
N HIS A 140 14.77 18.76 -6.46
CA HIS A 140 16.18 18.41 -6.62
C HIS A 140 17.06 19.60 -6.98
N GLU A 141 16.47 20.64 -7.60
CA GLU A 141 17.20 21.85 -7.98
C GLU A 141 17.44 22.75 -6.75
N PHE A 142 16.69 22.53 -5.68
CA PHE A 142 16.81 23.37 -4.50
C PHE A 142 17.12 22.61 -3.23
N LEU A 143 16.47 21.47 -3.03
CA LEU A 143 16.57 20.70 -1.79
C LEU A 143 17.54 19.53 -1.87
N THR A 144 17.94 19.00 -0.70
CA THR A 144 18.82 17.86 -0.56
C THR A 144 18.01 16.72 0.09
N ALA A 145 18.08 15.52 -0.50
CA ALA A 145 17.34 14.38 0.04
C ALA A 145 18.00 13.92 1.33
N GLY A 146 17.19 13.39 2.25
CA GLY A 146 17.69 12.84 3.49
C GLY A 146 18.58 11.62 3.36
N GLU A 147 19.52 11.44 4.30
CA GLU A 147 20.46 10.32 4.28
C GLU A 147 20.09 9.19 5.27
N TYR A 148 18.95 9.32 5.99
CA TYR A 148 18.63 8.38 7.07
C TYR A 148 17.21 7.86 6.97
N VAL A 149 16.96 6.69 7.53
CA VAL A 149 15.55 6.20 7.52
C VAL A 149 14.75 6.94 8.59
N ALA A 150 13.40 6.81 8.55
CA ALA A 150 12.53 7.32 9.61
C ALA A 150 12.67 6.32 10.76
N GLU A 151 13.07 6.81 11.94
CA GLU A 151 13.27 6.02 13.16
C GLU A 151 12.08 6.12 14.12
N PRO A 152 11.59 5.01 14.70
CA PRO A 152 10.49 5.14 15.66
C PRO A 152 10.93 5.92 16.91
N PHE A 153 10.03 6.74 17.47
CA PHE A 153 10.35 7.52 18.68
C PHE A 153 9.16 7.47 19.61
N GLN A 154 9.40 7.76 20.90
CA GLN A 154 8.34 7.74 21.91
C GLN A 154 7.74 9.08 22.21
N LEU A 155 6.41 9.09 22.36
CA LEU A 155 5.67 10.27 22.78
C LEU A 155 5.68 10.24 24.32
N SER A 156 5.14 11.28 24.99
CA SER A 156 5.19 11.39 26.47
C SER A 156 4.56 10.21 27.21
N ASP A 157 3.52 9.59 26.63
CA ASP A 157 2.87 8.43 27.22
C ASP A 157 3.67 7.11 26.95
N GLY A 158 4.81 7.24 26.24
CA GLY A 158 5.69 6.13 25.90
C GLY A 158 5.37 5.42 24.59
N THR A 159 4.28 5.80 23.91
CA THR A 159 3.88 5.15 22.65
C THR A 159 4.91 5.39 21.55
N TYR A 160 5.34 4.31 20.86
CA TYR A 160 6.25 4.40 19.72
C TYR A 160 5.45 4.82 18.49
N VAL A 161 5.98 5.83 17.78
CA VAL A 161 5.36 6.43 16.60
C VAL A 161 6.45 6.69 15.58
N THR A 162 6.04 7.13 14.41
CA THR A 162 6.91 7.47 13.29
C THR A 162 6.33 8.65 12.54
N GLN A 163 7.21 9.45 11.94
CA GLN A 163 6.83 10.68 11.26
C GLN A 163 7.43 10.67 9.84
N LEU A 164 6.55 10.73 8.82
CA LEU A 164 6.94 10.65 7.41
C LEU A 164 6.40 11.87 6.65
N ILE A 165 7.06 12.26 5.54
CA ILE A 165 6.69 13.49 4.85
C ILE A 165 6.16 13.29 3.46
N CYS A 166 4.93 13.77 3.23
CA CYS A 166 4.22 13.93 1.95
C CYS A 166 4.51 12.85 0.91
N TYR A 167 5.37 13.13 -0.08
CA TYR A 167 5.76 12.18 -1.15
C TYR A 167 6.25 10.81 -0.61
N ASP A 168 6.74 10.76 0.68
CA ASP A 168 7.12 9.49 1.32
C ASP A 168 5.97 8.51 1.31
N LEU A 169 4.74 9.02 1.34
CA LEU A 169 3.53 8.19 1.29
C LEU A 169 3.52 7.19 0.12
N ARG A 170 4.09 7.56 -1.04
CA ARG A 170 4.13 6.68 -2.22
C ARG A 170 5.14 5.52 -2.09
N PHE A 171 6.02 5.55 -1.05
CA PHE A 171 7.08 4.55 -0.85
C PHE A 171 6.76 3.64 0.34
N PRO A 172 6.11 2.48 0.08
CA PRO A 172 5.72 1.61 1.20
C PRO A 172 6.89 1.10 2.05
N GLU A 173 8.09 1.02 1.45
CA GLU A 173 9.29 0.55 2.15
C GLU A 173 9.61 1.36 3.41
N LEU A 174 9.41 2.68 3.38
CA LEU A 174 9.84 3.53 4.48
C LEU A 174 9.09 3.30 5.81
N LEU A 175 7.84 2.81 5.74
CA LEU A 175 7.02 2.52 6.93
C LEU A 175 7.28 1.14 7.49
N ARG A 176 7.87 0.22 6.70
CA ARG A 176 8.04 -1.17 7.13
C ARG A 176 8.90 -1.36 8.38
N TYR A 177 10.08 -0.77 8.40
CA TYR A 177 10.98 -0.89 9.55
C TYR A 177 10.33 -0.31 10.84
N PRO A 178 9.77 0.94 10.86
CA PRO A 178 9.17 1.44 12.10
C PRO A 178 8.01 0.54 12.58
N ALA A 179 7.17 0.03 11.65
CA ALA A 179 6.05 -0.85 12.01
C ALA A 179 6.55 -2.15 12.63
N ARG A 180 7.54 -2.80 12.00
CA ARG A 180 8.03 -4.07 12.57
C ARG A 180 8.82 -3.88 13.89
N SER A 181 9.29 -2.63 14.14
CA SER A 181 9.94 -2.20 15.37
C SER A 181 8.91 -1.94 16.50
N GLY A 182 7.62 -1.89 16.15
CA GLY A 182 6.54 -1.69 17.12
C GLY A 182 5.81 -0.37 17.10
N ALA A 183 6.07 0.52 16.10
CA ALA A 183 5.38 1.82 15.99
C ALA A 183 3.88 1.55 15.90
N LYS A 184 3.08 2.34 16.61
CA LYS A 184 1.63 2.18 16.65
C LYS A 184 0.89 3.25 15.83
N ILE A 185 1.54 4.40 15.59
CA ILE A 185 0.96 5.46 14.79
C ILE A 185 1.97 5.95 13.80
N ALA A 186 1.52 6.14 12.55
CA ALA A 186 2.32 6.73 11.50
C ALA A 186 1.75 8.09 11.21
N PHE A 187 2.55 9.14 11.46
CA PHE A 187 2.11 10.51 11.16
C PHE A 187 2.65 10.94 9.81
N TYR A 188 1.79 11.06 8.80
CA TYR A 188 2.24 11.59 7.52
C TYR A 188 1.89 13.06 7.51
N VAL A 189 2.89 13.93 7.34
CA VAL A 189 2.70 15.38 7.30
C VAL A 189 2.89 15.82 5.87
N ALA A 190 1.90 16.57 5.32
CA ALA A 190 1.90 16.86 3.89
C ALA A 190 1.36 18.22 3.48
N GLN A 191 1.59 18.53 2.23
CA GLN A 191 1.06 19.62 1.43
C GLN A 191 0.75 18.85 0.15
N TRP A 192 -0.27 17.96 0.26
CA TRP A 192 -0.69 17.05 -0.79
C TRP A 192 -1.63 17.76 -1.76
N PRO A 193 -1.35 17.76 -3.10
CA PRO A 193 -2.24 18.50 -4.03
C PRO A 193 -3.65 17.94 -4.19
N MSE A 194 -4.62 18.85 -4.44
CA MSE A 194 -6.03 18.52 -4.70
C MSE A 194 -6.16 17.59 -5.91
O MSE A 194 -7.04 16.74 -5.94
CB MSE A 194 -6.85 19.81 -4.94
CG MSE A 194 -8.36 19.56 -5.12
SE MSE A 194 -9.18 18.64 -3.62
CE MSE A 194 -9.59 20.17 -2.50
N SER A 195 -5.25 17.74 -6.88
CA SER A 195 -5.23 16.91 -8.09
C SER A 195 -4.92 15.43 -7.85
N ARG A 196 -4.39 15.08 -6.66
CA ARG A 196 -4.05 13.70 -6.30
C ARG A 196 -4.80 13.25 -5.04
N LEU A 197 -5.99 13.85 -4.76
CA LEU A 197 -6.77 13.53 -3.56
C LEU A 197 -7.06 12.05 -3.40
N GLN A 198 -7.51 11.37 -4.47
CA GLN A 198 -7.80 9.93 -4.44
CA GLN A 198 -7.79 9.94 -4.34
C GLN A 198 -6.54 9.15 -3.95
N HIS A 199 -5.35 9.52 -4.47
CA HIS A 199 -4.09 8.83 -4.10
C HIS A 199 -3.81 9.00 -2.59
N TRP A 200 -4.03 10.20 -2.02
CA TRP A 200 -3.87 10.50 -0.59
C TRP A 200 -4.72 9.54 0.29
N HIS A 201 -6.04 9.47 0.04
CA HIS A 201 -6.89 8.58 0.82
C HIS A 201 -6.56 7.10 0.64
N SER A 202 -6.35 6.66 -0.62
CA SER A 202 -6.11 5.25 -0.94
C SER A 202 -4.82 4.72 -0.35
N LEU A 203 -3.77 5.52 -0.46
CA LEU A 203 -2.47 5.15 0.09
C LEU A 203 -2.46 5.14 1.60
N LEU A 204 -3.04 6.18 2.27
CA LEU A 204 -3.06 6.19 3.75
C LEU A 204 -3.78 4.97 4.33
N LYS A 205 -4.90 4.59 3.70
CA LYS A 205 -5.68 3.42 4.12
C LYS A 205 -4.86 2.13 4.02
N ALA A 206 -4.12 1.94 2.91
CA ALA A 206 -3.32 0.74 2.73
C ALA A 206 -2.14 0.68 3.68
N ARG A 207 -1.49 1.84 3.97
CA ARG A 207 -0.38 1.86 4.92
C ARG A 207 -0.85 1.39 6.29
N ALA A 208 -2.08 1.77 6.67
CA ALA A 208 -2.66 1.36 7.96
C ALA A 208 -2.88 -0.16 8.01
N ILE A 209 -3.50 -0.73 6.95
CA ILE A 209 -3.81 -2.16 6.81
C ILE A 209 -2.59 -3.01 6.77
N GLU A 210 -1.68 -2.75 5.79
CA GLU A 210 -0.51 -3.62 5.60
C GLU A 210 0.45 -3.68 6.81
N ASN A 211 0.45 -2.62 7.66
CA ASN A 211 1.28 -2.54 8.88
C ASN A 211 0.48 -2.70 10.17
N ASN A 212 -0.84 -2.94 10.07
CA ASN A 212 -1.77 -3.12 11.21
C ASN A 212 -1.60 -1.98 12.25
N MSE A 213 -1.63 -0.73 11.81
CA MSE A 213 -1.42 0.39 12.72
C MSE A 213 -2.28 1.61 12.38
O MSE A 213 -2.88 1.67 11.31
CB MSE A 213 0.08 0.76 12.71
CG MSE A 213 0.51 1.35 11.36
SE MSE A 213 2.43 1.52 11.21
CE MSE A 213 2.70 2.85 12.69
N PHE A 214 -2.34 2.56 13.30
CA PHE A 214 -3.05 3.80 13.05
C PHE A 214 -2.23 4.65 12.10
N VAL A 215 -2.90 5.32 11.17
CA VAL A 215 -2.30 6.24 10.20
C VAL A 215 -3.04 7.57 10.29
N ILE A 216 -2.26 8.65 10.54
CA ILE A 216 -2.80 10.01 10.60
C ILE A 216 -2.19 10.81 9.48
N GLY A 217 -3.03 11.22 8.57
CA GLY A 217 -2.64 12.06 7.44
C GLY A 217 -3.00 13.50 7.74
N THR A 218 -1.98 14.34 8.03
CA THR A 218 -2.19 15.78 8.35
C THR A 218 -1.79 16.59 7.15
N ASN A 219 -2.78 17.20 6.49
CA ASN A 219 -2.52 17.94 5.27
C ASN A 219 -2.85 19.43 5.38
N SER A 220 -2.17 20.25 4.57
CA SER A 220 -2.48 21.68 4.50
C SER A 220 -3.66 21.86 3.54
N THR A 221 -4.13 23.09 3.43
CA THR A 221 -5.21 23.43 2.51
C THR A 221 -5.00 24.79 1.86
N GLY A 222 -5.87 25.14 0.93
CA GLY A 222 -5.85 26.41 0.21
C GLY A 222 -4.95 26.45 -1.00
N PHE A 223 -4.73 27.67 -1.49
CA PHE A 223 -3.95 27.95 -2.69
C PHE A 223 -2.78 28.89 -2.35
N ASP A 224 -1.57 28.46 -2.70
CA ASP A 224 -0.33 29.19 -2.42
C ASP A 224 0.11 30.12 -3.57
N GLY A 225 -0.66 30.14 -4.65
CA GLY A 225 -0.35 30.95 -5.83
C GLY A 225 0.13 30.11 -7.00
N ASN A 226 0.27 28.78 -6.81
CA ASN A 226 0.69 27.84 -7.85
C ASN A 226 -0.07 26.54 -7.78
N THR A 227 -0.27 26.01 -6.55
CA THR A 227 -0.92 24.72 -6.31
C THR A 227 -2.08 24.88 -5.35
N GLU A 228 -3.16 24.13 -5.62
CA GLU A 228 -4.33 24.03 -4.76
C GLU A 228 -4.12 22.75 -3.92
N TYR A 229 -3.99 22.91 -2.61
CA TYR A 229 -3.78 21.78 -1.71
C TYR A 229 -5.11 21.14 -1.32
N ALA A 230 -5.14 19.81 -1.17
CA ALA A 230 -6.35 19.04 -0.91
C ALA A 230 -7.07 19.22 0.41
N GLY A 231 -6.34 19.52 1.49
CA GLY A 231 -6.95 19.47 2.81
C GLY A 231 -7.25 17.99 3.00
N HIS A 232 -8.47 17.65 3.40
CA HIS A 232 -8.92 16.24 3.55
C HIS A 232 -8.03 15.39 4.49
N SER A 233 -7.58 16.00 5.61
CA SER A 233 -6.81 15.28 6.63
C SER A 233 -7.68 14.13 7.12
N ILE A 234 -7.06 13.01 7.50
CA ILE A 234 -7.79 11.80 7.85
C ILE A 234 -7.03 10.93 8.87
N VAL A 235 -7.78 10.19 9.66
CA VAL A 235 -7.24 9.24 10.64
C VAL A 235 -7.85 7.87 10.30
N ILE A 236 -6.99 6.85 10.14
CA ILE A 236 -7.36 5.49 9.78
C ILE A 236 -6.88 4.57 10.90
N ASN A 237 -7.75 3.66 11.35
CA ASN A 237 -7.40 2.71 12.40
C ASN A 237 -6.63 1.47 11.83
N PRO A 238 -6.05 0.59 12.70
CA PRO A 238 -5.32 -0.59 12.20
C PRO A 238 -6.07 -1.52 11.27
N ASN A 239 -7.42 -1.51 11.35
CA ASN A 239 -8.28 -2.34 10.51
C ASN A 239 -8.59 -1.67 9.16
N GLY A 240 -8.11 -0.44 8.98
CA GLY A 240 -8.34 0.29 7.73
C GLY A 240 -9.60 1.12 7.73
N ASP A 241 -10.26 1.20 8.90
CA ASP A 241 -11.50 1.96 9.02
C ASP A 241 -11.25 3.41 9.39
N LEU A 242 -12.15 4.27 8.91
CA LEU A 242 -12.16 5.69 9.18
C LEU A 242 -12.40 5.97 10.66
N VAL A 243 -11.50 6.75 11.29
CA VAL A 243 -11.64 7.19 12.68
C VAL A 243 -12.30 8.60 12.64
N GLY A 244 -11.74 9.50 11.82
CA GLY A 244 -12.22 10.85 11.58
C GLY A 244 -11.61 11.46 10.33
N GLU A 245 -12.27 12.49 9.75
CA GLU A 245 -11.76 13.17 8.56
C GLU A 245 -12.24 14.60 8.44
N LEU A 246 -11.52 15.39 7.65
CA LEU A 246 -11.89 16.77 7.36
C LEU A 246 -12.17 16.87 5.86
N ASN A 247 -12.73 18.00 5.41
CA ASN A 247 -12.94 18.24 3.99
C ASN A 247 -11.83 19.22 3.50
N GLU A 248 -12.11 20.00 2.45
CA GLU A 248 -11.18 20.97 1.85
C GLU A 248 -10.83 22.11 2.81
N SER A 249 -11.83 22.64 3.52
CA SER A 249 -11.72 23.78 4.43
C SER A 249 -10.71 23.66 5.57
N ALA A 250 -10.06 24.79 5.89
CA ALA A 250 -9.13 24.96 7.00
C ALA A 250 -9.89 24.71 8.27
N ASP A 251 -9.42 23.74 9.08
CA ASP A 251 -10.11 23.32 10.28
C ASP A 251 -9.21 22.47 11.18
N ILE A 252 -9.73 22.12 12.36
CA ILE A 252 -9.06 21.22 13.29
C ILE A 252 -9.85 19.92 13.37
N LEU A 253 -9.11 18.80 13.33
CA LEU A 253 -9.71 17.47 13.51
C LEU A 253 -9.23 16.96 14.84
N THR A 254 -10.16 16.58 15.72
CA THR A 254 -9.86 15.99 17.01
C THR A 254 -10.31 14.54 16.98
N VAL A 255 -9.41 13.64 17.33
CA VAL A 255 -9.72 12.20 17.37
C VAL A 255 -9.25 11.56 18.68
N ASP A 256 -9.94 10.50 19.11
CA ASP A 256 -9.61 9.71 20.29
C ASP A 256 -9.18 8.38 19.74
N LEU A 257 -7.96 7.97 20.07
CA LEU A 257 -7.41 6.73 19.54
C LEU A 257 -7.42 5.63 20.56
N ASN A 258 -7.97 4.49 20.18
CA ASN A 258 -7.95 3.32 21.04
CA ASN A 258 -7.90 3.35 21.07
C ASN A 258 -6.69 2.57 20.63
N LEU A 259 -5.54 2.90 21.24
CA LEU A 259 -4.24 2.29 20.95
C LEU A 259 -4.14 0.79 21.08
N ASN A 260 -5.00 0.17 21.93
CA ASN A 260 -5.03 -1.28 22.10
C ASN A 260 -5.40 -1.99 20.77
N GLU A 261 -5.99 -1.26 19.82
CA GLU A 261 -6.39 -1.79 18.50
C GLU A 261 -5.19 -2.25 17.70
N VAL A 262 -3.98 -1.65 17.94
CA VAL A 262 -2.79 -2.05 17.19
C VAL A 262 -2.38 -3.48 17.53
N GLU A 263 -2.08 -3.75 18.81
CA GLU A 263 -1.67 -5.09 19.27
C GLU A 263 -2.76 -6.13 18.96
N GLN A 264 -4.05 -5.73 19.07
CA GLN A 264 -5.19 -6.63 18.74
C GLN A 264 -5.15 -7.00 17.25
N GLN A 265 -4.89 -6.01 16.38
CA GLN A 265 -4.83 -6.24 14.94
C GLN A 265 -3.63 -7.10 14.56
N ARG A 266 -2.47 -6.83 15.21
CA ARG A 266 -1.23 -7.58 14.99
C ARG A 266 -1.33 -9.03 15.43
N GLU A 267 -2.15 -9.29 16.46
CA GLU A 267 -2.39 -10.65 16.96
C GLU A 267 -3.28 -11.40 15.96
N ASN A 268 -4.29 -10.71 15.43
CA ASN A 268 -5.26 -11.26 14.48
C ASN A 268 -4.64 -11.49 13.10
N ILE A 269 -3.84 -10.54 12.59
CA ILE A 269 -3.19 -10.64 11.25
C ILE A 269 -1.68 -10.50 11.45
N PRO A 270 -0.99 -11.56 11.92
CA PRO A 270 0.44 -11.42 12.25
C PRO A 270 1.41 -11.45 11.08
N VAL A 271 1.33 -10.40 10.25
CA VAL A 271 2.12 -10.25 9.05
C VAL A 271 3.63 -10.34 9.28
N PHE A 272 4.16 -9.74 10.37
CA PHE A 272 5.61 -9.78 10.60
C PHE A 272 6.17 -11.12 11.02
N LYS A 273 5.31 -12.12 11.24
CA LYS A 273 5.77 -13.47 11.53
C LYS A 273 5.99 -14.19 10.18
N SER A 274 5.45 -13.61 9.09
CA SER A 274 5.59 -14.16 7.74
C SER A 274 6.57 -13.41 6.83
N ILE A 275 7.02 -12.21 7.25
CA ILE A 275 7.92 -11.36 6.44
C ILE A 275 9.22 -12.09 6.11
N LYS A 276 9.73 -11.89 4.88
CA LYS A 276 10.97 -12.53 4.38
C LYS A 276 11.96 -11.46 3.98
N LEU A 277 12.47 -10.76 5.00
CA LEU A 277 13.40 -9.63 4.84
C LEU A 277 14.62 -9.87 3.96
N ASP A 278 15.21 -11.07 4.00
CA ASP A 278 16.40 -11.37 3.20
C ASP A 278 16.08 -11.75 1.77
N LEU A 279 14.82 -12.13 1.51
CA LEU A 279 14.40 -12.60 0.21
C LEU A 279 14.17 -11.51 -0.84
N TYR A 280 13.38 -10.46 -0.52
CA TYR A 280 12.95 -9.45 -1.46
C TYR A 280 14.06 -8.77 -2.25
N LYS A 281 13.82 -8.55 -3.57
CA LYS A 281 14.79 -7.85 -4.43
C LYS A 281 14.52 -6.33 -4.43
N LEU B 14 -13.19 -3.02 -33.65
CA LEU B 14 -11.81 -3.32 -33.27
C LEU B 14 -10.96 -2.05 -33.17
N VAL B 15 -9.90 -2.12 -32.36
CA VAL B 15 -8.91 -1.05 -32.21
C VAL B 15 -7.56 -1.64 -32.72
N PRO B 16 -6.72 -0.93 -33.51
CA PRO B 16 -5.44 -1.55 -33.93
C PRO B 16 -4.65 -2.10 -32.75
N ARG B 17 -4.07 -3.29 -32.95
CA ARG B 17 -3.31 -3.99 -31.90
C ARG B 17 -2.06 -3.21 -31.47
N GLY B 18 -1.62 -3.45 -30.26
CA GLY B 18 -0.41 -2.83 -29.73
C GLY B 18 -0.54 -2.00 -28.47
N SER B 19 -1.77 -1.62 -28.11
CA SER B 19 -1.99 -0.81 -26.92
C SER B 19 -3.02 -1.38 -25.94
N HIS B 20 -3.71 -2.48 -26.33
CA HIS B 20 -4.73 -3.07 -25.48
C HIS B 20 -4.55 -4.60 -25.28
N MSE B 21 -5.23 -5.11 -24.25
CA MSE B 21 -5.28 -6.53 -23.88
C MSE B 21 -6.64 -6.83 -23.29
O MSE B 21 -7.09 -6.17 -22.36
CB MSE B 21 -4.17 -6.84 -22.85
CG MSE B 21 -4.11 -8.32 -22.49
SE MSE B 21 -2.86 -8.61 -21.03
CE MSE B 21 -1.26 -8.16 -21.89
N LYS B 22 -7.34 -7.84 -23.86
CA LYS B 22 -8.65 -8.24 -23.38
C LYS B 22 -8.44 -9.40 -22.40
N VAL B 23 -8.88 -9.23 -21.15
CA VAL B 23 -8.73 -10.20 -20.03
C VAL B 23 -10.06 -10.73 -19.53
N GLN B 24 -10.16 -12.08 -19.38
CA GLN B 24 -11.31 -12.70 -18.73
C GLN B 24 -10.86 -13.20 -17.35
N ILE B 25 -11.59 -12.84 -16.31
CA ILE B 25 -11.29 -13.26 -14.95
C ILE B 25 -12.39 -14.26 -14.58
N TYR B 26 -12.01 -15.52 -14.28
CA TYR B 26 -13.01 -16.52 -13.89
C TYR B 26 -13.09 -16.63 -12.37
N GLN B 27 -14.15 -16.03 -11.77
CA GLN B 27 -14.44 -16.03 -10.33
C GLN B 27 -15.21 -17.32 -10.03
N LEU B 28 -14.46 -18.42 -10.01
CA LEU B 28 -14.99 -19.76 -9.86
C LEU B 28 -15.30 -20.14 -8.41
N PRO B 29 -16.39 -20.89 -8.15
CA PRO B 29 -16.57 -21.44 -6.81
C PRO B 29 -15.75 -22.75 -6.72
N ILE B 30 -14.48 -22.66 -6.26
CA ILE B 30 -13.58 -23.81 -6.17
C ILE B 30 -14.09 -24.87 -5.21
N VAL B 31 -14.22 -26.12 -5.71
CA VAL B 31 -14.70 -27.29 -4.96
C VAL B 31 -13.62 -27.77 -3.99
N PHE B 32 -13.98 -27.91 -2.69
CA PHE B 32 -13.09 -28.37 -1.63
C PHE B 32 -12.55 -29.79 -1.90
N GLY B 33 -11.22 -29.92 -1.94
CA GLY B 33 -10.48 -31.16 -2.15
C GLY B 33 -10.87 -32.07 -3.29
N ASP B 34 -11.33 -31.51 -4.42
CA ASP B 34 -11.73 -32.33 -5.57
C ASP B 34 -11.18 -31.83 -6.90
N SER B 35 -9.99 -32.31 -7.29
CA SER B 35 -9.32 -31.90 -8.53
C SER B 35 -10.10 -32.24 -9.80
N SER B 36 -10.80 -33.40 -9.84
CA SER B 36 -11.57 -33.74 -11.04
C SER B 36 -12.82 -32.85 -11.22
N LYS B 37 -13.52 -32.46 -10.12
CA LYS B 37 -14.69 -31.56 -10.23
C LYS B 37 -14.22 -30.15 -10.59
N ASN B 38 -13.05 -29.76 -10.07
CA ASN B 38 -12.47 -28.46 -10.40
C ASN B 38 -12.05 -28.35 -11.85
N GLU B 39 -11.40 -29.40 -12.38
CA GLU B 39 -10.98 -29.45 -13.79
C GLU B 39 -12.19 -29.44 -14.72
N THR B 40 -13.25 -30.17 -14.36
CA THR B 40 -14.50 -30.20 -15.16
C THR B 40 -15.11 -28.78 -15.27
N GLN B 41 -15.23 -28.08 -14.12
CA GLN B 41 -15.78 -26.72 -14.02
C GLN B 41 -14.96 -25.74 -14.90
N ILE B 42 -13.63 -25.80 -14.83
CA ILE B 42 -12.75 -24.92 -15.63
C ILE B 42 -12.95 -25.18 -17.13
N THR B 43 -12.93 -26.47 -17.55
CA THR B 43 -13.17 -26.87 -18.95
C THR B 43 -14.49 -26.28 -19.46
N GLN B 44 -15.56 -26.42 -18.65
CA GLN B 44 -16.91 -25.89 -18.90
C GLN B 44 -16.94 -24.37 -19.00
N TRP B 45 -16.12 -23.67 -18.17
CA TRP B 45 -16.06 -22.19 -18.19
C TRP B 45 -15.39 -21.68 -19.46
N PHE B 46 -14.32 -22.35 -19.92
CA PHE B 46 -13.60 -22.02 -21.15
C PHE B 46 -14.52 -22.25 -22.36
N GLU B 47 -15.26 -23.38 -22.36
CA GLU B 47 -16.19 -23.76 -23.42
C GLU B 47 -17.29 -22.72 -23.58
N LYS B 48 -17.94 -22.33 -22.48
CA LYS B 48 -19.03 -21.34 -22.44
C LYS B 48 -18.59 -19.90 -22.73
N ASN B 49 -17.41 -19.49 -22.22
CA ASN B 49 -16.95 -18.09 -22.28
C ASN B 49 -15.90 -17.64 -23.30
N MSE B 50 -15.04 -18.55 -23.76
CA MSE B 50 -13.97 -18.18 -24.70
C MSE B 50 -14.45 -17.67 -26.07
O MSE B 50 -15.44 -18.16 -26.61
CB MSE B 50 -12.99 -19.32 -24.89
CG MSE B 50 -11.85 -19.32 -23.87
SE MSE B 50 -10.74 -17.71 -23.97
CE MSE B 50 -10.03 -17.87 -25.74
N ASN B 51 -13.73 -16.67 -26.61
CA ASN B 51 -13.92 -16.09 -27.94
C ASN B 51 -12.57 -15.73 -28.56
N ALA B 52 -12.51 -15.60 -29.89
CA ALA B 52 -11.26 -15.32 -30.64
C ALA B 52 -10.51 -14.03 -30.24
N GLU B 53 -11.20 -13.07 -29.59
CA GLU B 53 -10.66 -11.77 -29.16
C GLU B 53 -10.06 -11.74 -27.74
N VAL B 54 -10.28 -12.80 -26.92
CA VAL B 54 -9.73 -12.88 -25.55
C VAL B 54 -8.22 -13.17 -25.63
N ASP B 55 -7.40 -12.39 -24.88
CA ASP B 55 -5.95 -12.59 -24.87
C ASP B 55 -5.48 -13.41 -23.68
N VAL B 56 -6.12 -13.25 -22.51
CA VAL B 56 -5.71 -13.86 -21.23
C VAL B 56 -6.93 -14.28 -20.42
N VAL B 57 -6.87 -15.47 -19.79
CA VAL B 57 -7.86 -15.97 -18.84
C VAL B 57 -7.14 -16.05 -17.50
N VAL B 58 -7.78 -15.63 -16.43
CA VAL B 58 -7.19 -15.69 -15.10
C VAL B 58 -7.99 -16.59 -14.20
N LEU B 59 -7.28 -17.50 -13.47
CA LEU B 59 -7.94 -18.42 -12.56
C LEU B 59 -7.57 -18.07 -11.09
N PRO B 60 -8.43 -18.44 -10.11
CA PRO B 60 -8.14 -18.12 -8.70
C PRO B 60 -7.05 -19.00 -8.07
N GLU B 61 -6.63 -18.68 -6.82
CA GLU B 61 -5.66 -19.44 -6.03
C GLU B 61 -6.17 -20.85 -5.74
N MSE B 62 -5.26 -21.83 -5.63
CA MSE B 62 -5.53 -23.21 -5.18
C MSE B 62 -6.77 -23.83 -5.86
O MSE B 62 -7.73 -24.24 -5.19
CB MSE B 62 -5.66 -23.22 -3.64
CG MSE B 62 -4.36 -22.85 -2.93
SE MSE B 62 -3.04 -24.31 -2.77
CE MSE B 62 -3.37 -24.84 -0.97
N TRP B 63 -6.80 -23.78 -7.20
CA TRP B 63 -7.98 -24.23 -7.94
C TRP B 63 -8.16 -25.74 -8.04
N ASN B 64 -7.09 -26.52 -7.76
CA ASN B 64 -7.17 -27.99 -7.82
C ASN B 64 -7.82 -28.63 -6.59
N ASN B 65 -7.36 -28.29 -5.35
CA ASN B 65 -7.93 -28.87 -4.13
C ASN B 65 -8.55 -27.89 -3.16
N GLY B 66 -8.48 -26.60 -3.46
CA GLY B 66 -8.96 -25.58 -2.54
C GLY B 66 -8.16 -25.67 -1.24
N TYR B 67 -8.81 -25.36 -0.13
CA TYR B 67 -8.12 -25.39 1.15
C TYR B 67 -8.25 -26.69 1.95
N ASP B 68 -8.16 -27.86 1.27
CA ASP B 68 -8.20 -29.17 1.94
C ASP B 68 -6.78 -29.57 2.33
N LEU B 69 -6.17 -28.74 3.19
CA LEU B 69 -4.78 -28.90 3.58
C LEU B 69 -4.41 -30.22 4.21
N GLU B 70 -5.29 -30.78 5.05
CA GLU B 70 -5.00 -32.05 5.73
C GLU B 70 -4.85 -33.25 4.80
N HIS B 71 -5.41 -33.17 3.58
CA HIS B 71 -5.33 -34.23 2.58
C HIS B 71 -4.39 -33.97 1.38
N LEU B 72 -3.65 -32.84 1.38
CA LEU B 72 -2.72 -32.51 0.29
C LEU B 72 -1.56 -33.45 0.14
N ASN B 73 -1.14 -34.11 1.26
CA ASN B 73 -0.07 -35.11 1.23
C ASN B 73 -0.30 -36.17 0.11
N GLU B 74 -1.60 -36.46 -0.17
CA GLU B 74 -2.09 -37.39 -1.21
C GLU B 74 -2.75 -36.70 -2.43
N LYS B 75 -3.60 -35.64 -2.18
CA LYS B 75 -4.39 -34.97 -3.20
C LYS B 75 -3.62 -33.99 -4.08
N ALA B 76 -2.55 -33.38 -3.56
CA ALA B 76 -1.76 -32.41 -4.32
C ALA B 76 -1.08 -33.03 -5.55
N ASP B 77 -0.75 -32.17 -6.52
CA ASP B 77 -0.06 -32.51 -7.75
C ASP B 77 1.42 -32.82 -7.43
N ASN B 78 2.18 -33.36 -8.39
CA ASN B 78 3.61 -33.65 -8.25
C ASN B 78 4.34 -33.02 -9.41
N ASN B 79 5.18 -31.98 -9.11
CA ASN B 79 5.94 -31.23 -10.08
C ASN B 79 5.06 -30.64 -11.17
N LEU B 80 3.88 -30.14 -10.77
CA LEU B 80 2.84 -29.56 -11.64
C LEU B 80 2.37 -30.49 -12.78
N GLY B 81 2.62 -31.79 -12.65
CA GLY B 81 2.29 -32.80 -13.65
C GLY B 81 0.90 -32.69 -14.24
N GLN B 82 -0.12 -32.95 -13.42
CA GLN B 82 -1.54 -32.91 -13.81
C GLN B 82 -2.01 -31.50 -14.18
N SER B 83 -1.66 -30.49 -13.36
CA SER B 83 -2.11 -29.11 -13.58
C SER B 83 -1.52 -28.45 -14.84
N PHE B 84 -0.20 -28.60 -15.08
CA PHE B 84 0.41 -28.03 -16.28
C PHE B 84 -0.14 -28.71 -17.52
N SER B 85 -0.32 -30.05 -17.50
CA SER B 85 -0.85 -30.72 -18.70
C SER B 85 -2.26 -30.24 -19.01
N PHE B 86 -3.10 -30.12 -17.95
CA PHE B 86 -4.47 -29.64 -18.07
C PHE B 86 -4.54 -28.22 -18.68
N ILE B 87 -3.69 -27.29 -18.16
CA ILE B 87 -3.68 -25.90 -18.61
C ILE B 87 -3.09 -25.75 -20.02
N LYS B 88 -2.00 -26.49 -20.31
CA LYS B 88 -1.34 -26.49 -21.62
C LYS B 88 -2.35 -26.88 -22.71
N HIS B 89 -3.17 -27.93 -22.42
CA HIS B 89 -4.21 -28.40 -23.34
C HIS B 89 -5.20 -27.29 -23.64
N LEU B 90 -5.68 -26.56 -22.59
CA LEU B 90 -6.63 -25.47 -22.75
C LEU B 90 -6.01 -24.27 -23.49
N ALA B 91 -4.78 -23.87 -23.10
CA ALA B 91 -4.08 -22.75 -23.74
C ALA B 91 -3.96 -22.97 -25.25
N GLU B 92 -3.47 -24.15 -25.66
CA GLU B 92 -3.27 -24.56 -27.05
C GLU B 92 -4.60 -24.68 -27.82
N LYS B 93 -5.63 -25.27 -27.18
CA LYS B 93 -6.96 -25.48 -27.76
C LYS B 93 -7.63 -24.17 -28.13
N TYR B 94 -7.60 -23.17 -27.22
CA TYR B 94 -8.21 -21.86 -27.38
C TYR B 94 -7.25 -20.76 -27.82
N LYS B 95 -5.94 -21.09 -28.00
CA LYS B 95 -4.88 -20.18 -28.42
C LYS B 95 -4.94 -18.90 -27.56
N VAL B 96 -4.89 -19.10 -26.23
CA VAL B 96 -5.01 -18.01 -25.26
C VAL B 96 -3.97 -18.19 -24.13
N ASP B 97 -3.48 -17.09 -23.55
CA ASP B 97 -2.57 -17.14 -22.39
C ASP B 97 -3.43 -17.40 -21.18
N ILE B 98 -2.88 -18.13 -20.20
CA ILE B 98 -3.63 -18.43 -19.01
C ILE B 98 -2.75 -18.14 -17.83
N VAL B 99 -3.19 -17.21 -16.98
CA VAL B 99 -2.51 -16.91 -15.72
C VAL B 99 -3.27 -17.86 -14.78
N ALA B 100 -2.77 -19.12 -14.72
CA ALA B 100 -3.40 -20.28 -14.11
C ALA B 100 -3.48 -20.36 -12.58
N GLY B 101 -3.87 -19.26 -11.92
CA GLY B 101 -4.03 -19.18 -10.47
C GLY B 101 -2.87 -19.83 -9.77
N SER B 102 -3.20 -20.73 -8.83
CA SER B 102 -2.21 -21.56 -8.19
C SER B 102 -2.78 -22.93 -7.91
N VAL B 103 -1.89 -23.88 -7.58
CA VAL B 103 -2.26 -25.26 -7.25
C VAL B 103 -1.45 -25.80 -6.09
N SER B 104 -2.07 -26.73 -5.30
CA SER B 104 -1.35 -27.46 -4.24
C SER B 104 -0.43 -28.42 -5.01
N ASN B 105 0.88 -28.29 -4.77
CA ASN B 105 1.89 -28.97 -5.54
C ASN B 105 3.02 -29.52 -4.68
N ILE B 106 3.26 -30.81 -4.79
CA ILE B 106 4.35 -31.49 -4.06
C ILE B 106 5.61 -31.46 -4.90
N ARG B 107 6.72 -31.05 -4.29
CA ARG B 107 8.02 -31.00 -4.91
C ARG B 107 9.07 -31.39 -3.87
N ASN B 108 9.85 -32.46 -4.16
CA ASN B 108 10.90 -32.99 -3.27
C ASN B 108 10.40 -33.18 -1.82
N ASN B 109 9.27 -33.89 -1.71
CA ASN B 109 8.56 -34.21 -0.48
C ASN B 109 8.12 -33.03 0.40
N GLN B 110 7.76 -31.92 -0.23
CA GLN B 110 7.25 -30.72 0.45
C GLN B 110 6.06 -30.22 -0.35
N ILE B 111 5.02 -29.70 0.33
CA ILE B 111 3.81 -29.18 -0.32
C ILE B 111 3.86 -27.65 -0.42
N PHE B 112 3.73 -27.12 -1.66
CA PHE B 112 3.76 -25.68 -1.96
C PHE B 112 2.45 -25.23 -2.53
N ASN B 113 2.21 -23.91 -2.51
CA ASN B 113 1.05 -23.27 -3.10
C ASN B 113 1.70 -22.63 -4.35
N THR B 114 1.62 -23.35 -5.49
CA THR B 114 2.34 -22.98 -6.69
C THR B 114 1.51 -22.33 -7.75
N ALA B 115 1.81 -21.04 -8.02
CA ALA B 115 1.22 -20.30 -9.13
C ALA B 115 2.02 -20.61 -10.37
N PHE B 116 1.33 -20.58 -11.53
CA PHE B 116 1.97 -20.80 -12.82
C PHE B 116 1.12 -20.17 -13.92
N SER B 117 1.74 -19.90 -15.06
CA SER B 117 1.08 -19.35 -16.24
C SER B 117 1.62 -20.09 -17.46
N VAL B 118 0.78 -20.18 -18.48
CA VAL B 118 1.13 -20.87 -19.73
C VAL B 118 0.70 -19.94 -20.88
N ASN B 119 1.54 -19.81 -21.91
CA ASN B 119 1.18 -18.97 -23.06
C ASN B 119 0.36 -19.76 -24.12
N LYS B 120 -0.13 -19.07 -25.18
CA LYS B 120 -0.94 -19.66 -26.25
C LYS B 120 -0.27 -20.78 -27.04
N SER B 121 1.08 -20.85 -26.96
CA SER B 121 1.93 -21.84 -27.60
C SER B 121 2.16 -23.06 -26.70
N GLY B 122 1.44 -23.13 -25.57
CA GLY B 122 1.53 -24.23 -24.62
C GLY B 122 2.82 -24.27 -23.82
N GLN B 123 3.53 -23.14 -23.75
CA GLN B 123 4.79 -23.05 -23.02
C GLN B 123 4.57 -22.53 -21.63
N LEU B 124 5.26 -23.14 -20.64
CA LEU B 124 5.24 -22.70 -19.26
C LEU B 124 6.04 -21.40 -19.24
N ILE B 125 5.39 -20.30 -18.78
CA ILE B 125 6.01 -18.98 -18.74
C ILE B 125 6.37 -18.46 -17.33
N ASN B 126 5.76 -19.05 -16.32
CA ASN B 126 6.02 -18.66 -14.93
C ASN B 126 5.71 -19.80 -13.98
N GLU B 127 6.47 -19.88 -12.88
CA GLU B 127 6.24 -20.82 -11.78
C GLU B 127 6.71 -20.11 -10.51
N TYR B 128 5.82 -20.00 -9.53
CA TYR B 128 6.12 -19.26 -8.30
C TYR B 128 5.40 -19.86 -7.10
N ASP B 129 6.14 -20.23 -6.03
CA ASP B 129 5.53 -20.75 -4.81
C ASP B 129 5.23 -19.56 -3.88
N LYS B 130 4.05 -19.54 -3.32
CA LYS B 130 3.65 -18.47 -2.38
C LYS B 130 4.75 -18.30 -1.30
N VAL B 131 5.28 -17.08 -1.18
CA VAL B 131 6.34 -16.77 -0.19
C VAL B 131 5.75 -16.59 1.22
N HIS B 132 4.57 -16.00 1.29
CA HIS B 132 3.95 -15.66 2.57
C HIS B 132 2.85 -16.60 3.02
N LEU B 133 3.18 -17.52 3.94
CA LEU B 133 2.20 -18.44 4.52
C LEU B 133 1.49 -17.76 5.67
N VAL B 134 0.20 -18.09 5.88
CA VAL B 134 -0.55 -17.52 6.98
C VAL B 134 -0.07 -18.27 8.23
N PRO B 135 0.50 -17.58 9.25
CA PRO B 135 0.97 -18.32 10.43
C PRO B 135 -0.19 -18.78 11.32
N MSE B 136 -1.44 -18.64 10.81
CA MSE B 136 -2.72 -18.92 11.47
C MSE B 136 -3.54 -20.04 10.82
O MSE B 136 -4.08 -20.89 11.52
CB MSE B 136 -3.59 -17.64 11.55
CG MSE B 136 -2.86 -16.42 12.13
SE MSE B 136 -2.71 -16.45 14.08
CE MSE B 136 -4.54 -15.83 14.53
N LEU B 137 -3.66 -20.02 9.46
CA LEU B 137 -4.44 -20.94 8.64
C LEU B 137 -3.87 -22.36 8.46
N ARG B 138 -3.30 -22.99 9.54
CA ARG B 138 -2.70 -24.34 9.50
C ARG B 138 -1.72 -24.47 8.33
N GLU B 139 -1.44 -23.34 7.65
CA GLU B 139 -0.55 -23.28 6.50
C GLU B 139 0.86 -23.64 6.90
N HIS B 140 1.28 -23.29 8.13
CA HIS B 140 2.61 -23.70 8.61
C HIS B 140 2.62 -25.19 8.96
N GLU B 141 1.44 -25.75 9.33
CA GLU B 141 1.25 -27.17 9.68
C GLU B 141 1.41 -28.02 8.41
N PHE B 142 0.78 -27.62 7.28
CA PHE B 142 0.81 -28.41 6.04
C PHE B 142 1.67 -27.93 4.89
N LEU B 143 1.77 -26.61 4.67
CA LEU B 143 2.55 -26.08 3.52
C LEU B 143 3.94 -25.62 3.84
N THR B 144 4.76 -25.43 2.78
CA THR B 144 6.12 -24.93 2.81
C THR B 144 6.18 -23.56 2.05
N ALA B 145 6.81 -22.55 2.67
CA ALA B 145 6.94 -21.21 2.09
C ALA B 145 7.90 -21.20 0.89
N GLY B 146 7.57 -20.41 -0.14
CA GLY B 146 8.40 -20.25 -1.33
C GLY B 146 9.74 -19.64 -1.00
N GLU B 147 10.77 -20.02 -1.76
CA GLU B 147 12.13 -19.58 -1.49
C GLU B 147 12.67 -18.68 -2.58
N TYR B 148 11.78 -18.19 -3.47
CA TYR B 148 12.16 -17.31 -4.56
C TYR B 148 11.23 -16.11 -4.65
N VAL B 149 11.76 -14.98 -5.14
CA VAL B 149 10.95 -13.80 -5.40
C VAL B 149 10.08 -14.06 -6.64
N ALA B 150 9.03 -13.26 -6.80
CA ALA B 150 8.23 -13.32 -8.01
C ALA B 150 9.00 -12.55 -9.08
N GLU B 151 9.20 -13.21 -10.24
CA GLU B 151 9.99 -12.63 -11.35
C GLU B 151 9.10 -12.13 -12.46
N PRO B 152 9.35 -10.95 -13.05
CA PRO B 152 8.53 -10.53 -14.21
C PRO B 152 8.68 -11.49 -15.39
N PHE B 153 7.59 -11.68 -16.13
CA PHE B 153 7.57 -12.57 -17.29
C PHE B 153 6.67 -11.97 -18.38
N GLN B 154 6.87 -12.38 -19.63
CA GLN B 154 6.08 -11.85 -20.73
C GLN B 154 4.89 -12.70 -21.11
N LEU B 155 3.79 -12.01 -21.45
CA LEU B 155 2.61 -12.64 -22.02
C LEU B 155 2.87 -12.67 -23.54
N SER B 156 1.99 -13.30 -24.32
CA SER B 156 2.22 -13.48 -25.76
C SER B 156 2.44 -12.20 -26.59
N ASP B 157 1.90 -11.05 -26.14
CA ASP B 157 2.07 -9.76 -26.83
C ASP B 157 3.39 -9.06 -26.44
N GLY B 158 4.19 -9.68 -25.57
CA GLY B 158 5.46 -9.14 -25.10
C GLY B 158 5.38 -8.30 -23.83
N THR B 159 4.16 -8.04 -23.32
CA THR B 159 3.88 -7.25 -22.10
C THR B 159 4.41 -7.99 -20.86
N TYR B 160 5.34 -7.35 -20.11
CA TYR B 160 5.88 -7.87 -18.83
C TYR B 160 4.83 -7.79 -17.74
N VAL B 161 4.63 -8.90 -17.02
CA VAL B 161 3.59 -8.99 -15.98
C VAL B 161 4.17 -9.73 -14.77
N THR B 162 3.40 -9.80 -13.68
CA THR B 162 3.80 -10.52 -12.48
C THR B 162 2.61 -11.20 -11.87
N GLN B 163 2.82 -12.34 -11.22
CA GLN B 163 1.73 -13.13 -10.64
C GLN B 163 2.06 -13.39 -9.14
N LEU B 164 1.19 -12.93 -8.23
CA LEU B 164 1.36 -13.10 -6.77
C LEU B 164 0.14 -13.78 -6.21
N ILE B 165 0.27 -14.43 -5.04
CA ILE B 165 -0.82 -15.23 -4.49
C ILE B 165 -1.37 -14.70 -3.19
N CYS B 166 -2.72 -14.46 -3.13
CA CYS B 166 -3.53 -14.18 -1.94
C CYS B 166 -2.84 -13.37 -0.82
N TYR B 167 -2.40 -14.01 0.27
CA TYR B 167 -1.73 -13.36 1.40
C TYR B 167 -0.55 -12.46 1.03
N ASP B 168 0.15 -12.75 -0.09
CA ASP B 168 1.23 -11.93 -0.63
C ASP B 168 0.81 -10.46 -0.80
N LEU B 169 -0.50 -10.20 -1.02
CA LEU B 169 -1.09 -8.87 -1.20
C LEU B 169 -0.76 -7.97 -0.01
N ARG B 170 -0.66 -8.54 1.19
CA ARG B 170 -0.34 -7.76 2.39
C ARG B 170 1.13 -7.30 2.46
N PHE B 171 2.00 -7.81 1.57
CA PHE B 171 3.44 -7.54 1.58
C PHE B 171 3.84 -6.64 0.41
N PRO B 172 3.85 -5.28 0.63
CA PRO B 172 4.18 -4.38 -0.49
C PRO B 172 5.54 -4.63 -1.14
N GLU B 173 6.50 -5.14 -0.36
CA GLU B 173 7.86 -5.47 -0.80
C GLU B 173 7.89 -6.40 -2.02
N LEU B 174 7.02 -7.42 -2.07
CA LEU B 174 7.08 -8.39 -3.15
C LEU B 174 6.81 -7.83 -4.57
N LEU B 175 6.01 -6.77 -4.68
CA LEU B 175 5.69 -6.19 -6.00
C LEU B 175 6.66 -5.13 -6.53
N ARG B 176 7.52 -4.59 -5.63
CA ARG B 176 8.46 -3.51 -5.92
C ARG B 176 9.49 -3.86 -7.00
N TYR B 177 10.16 -5.01 -6.88
CA TYR B 177 11.12 -5.50 -7.85
C TYR B 177 10.45 -5.72 -9.22
N PRO B 178 9.33 -6.47 -9.36
CA PRO B 178 8.71 -6.60 -10.70
C PRO B 178 8.29 -5.24 -11.27
N ALA B 179 7.73 -4.34 -10.45
CA ALA B 179 7.31 -3.01 -10.91
C ALA B 179 8.46 -2.17 -11.48
N ARG B 180 9.58 -2.07 -10.73
CA ARG B 180 10.72 -1.29 -11.19
C ARG B 180 11.48 -1.92 -12.36
N SER B 181 11.23 -3.23 -12.61
CA SER B 181 11.83 -3.95 -13.74
C SER B 181 11.00 -3.76 -15.01
N GLY B 182 9.82 -3.15 -14.88
CA GLY B 182 8.95 -2.89 -16.03
C GLY B 182 7.63 -3.62 -16.09
N ALA B 183 7.28 -4.48 -15.08
CA ALA B 183 5.97 -5.16 -15.07
C ALA B 183 4.84 -4.11 -15.18
N LYS B 184 3.85 -4.37 -16.06
CA LYS B 184 2.73 -3.47 -16.33
C LYS B 184 1.42 -3.92 -15.69
N ILE B 185 1.31 -5.22 -15.40
CA ILE B 185 0.12 -5.81 -14.78
C ILE B 185 0.57 -6.73 -13.64
N ALA B 186 -0.06 -6.58 -12.48
CA ALA B 186 0.16 -7.45 -11.33
C ALA B 186 -1.10 -8.29 -11.18
N PHE B 187 -0.97 -9.59 -11.40
CA PHE B 187 -2.11 -10.50 -11.22
C PHE B 187 -2.07 -11.09 -9.82
N TYR B 188 -2.98 -10.68 -8.94
CA TYR B 188 -3.08 -11.32 -7.62
C TYR B 188 -4.13 -12.42 -7.76
N VAL B 189 -3.77 -13.67 -7.50
CA VAL B 189 -4.71 -14.81 -7.54
C VAL B 189 -5.05 -15.23 -6.13
N ALA B 190 -6.34 -15.32 -5.79
CA ALA B 190 -6.73 -15.54 -4.41
C ALA B 190 -7.95 -16.38 -4.14
N GLN B 191 -8.05 -16.77 -2.86
CA GLN B 191 -9.18 -17.34 -2.13
C GLN B 191 -9.21 -16.47 -0.88
N TRP B 192 -9.60 -15.19 -1.10
CA TRP B 192 -9.62 -14.16 -0.08
C TRP B 192 -10.92 -14.23 0.72
N PRO B 193 -10.85 -14.30 2.07
CA PRO B 193 -12.09 -14.43 2.87
C PRO B 193 -13.04 -13.23 2.81
N MSE B 194 -14.35 -13.51 3.00
CA MSE B 194 -15.42 -12.51 3.04
C MSE B 194 -15.18 -11.57 4.23
O MSE B 194 -15.47 -10.37 4.15
CB MSE B 194 -16.79 -13.21 3.18
CG MSE B 194 -17.97 -12.23 3.12
SE MSE B 194 -17.94 -11.08 1.55
CE MSE B 194 -18.74 -12.26 0.28
N SER B 195 -14.64 -12.11 5.32
CA SER B 195 -14.34 -11.40 6.55
C SER B 195 -13.32 -10.26 6.38
N ARG B 196 -12.51 -10.28 5.29
CA ARG B 196 -11.46 -9.29 4.99
C ARG B 196 -11.67 -8.61 3.63
N LEU B 197 -12.95 -8.53 3.18
CA LEU B 197 -13.29 -7.90 1.90
C LEU B 197 -12.73 -6.47 1.72
N GLN B 198 -12.94 -5.57 2.71
CA GLN B 198 -12.43 -4.20 2.67
CA GLN B 198 -12.42 -4.21 2.61
C GLN B 198 -10.90 -4.20 2.44
N HIS B 199 -10.15 -5.09 3.14
CA HIS B 199 -8.68 -5.18 2.98
C HIS B 199 -8.27 -5.52 1.55
N TRP B 200 -9.00 -6.46 0.92
CA TRP B 200 -8.80 -6.88 -0.46
C TRP B 200 -8.88 -5.68 -1.43
N HIS B 201 -10.00 -4.91 -1.44
CA HIS B 201 -10.12 -3.76 -2.32
C HIS B 201 -9.09 -2.65 -2.03
N SER B 202 -8.88 -2.33 -0.76
CA SER B 202 -7.96 -1.26 -0.32
C SER B 202 -6.51 -1.55 -0.68
N LEU B 203 -6.03 -2.78 -0.43
CA LEU B 203 -4.65 -3.13 -0.74
C LEU B 203 -4.42 -3.19 -2.24
N LEU B 204 -5.34 -3.83 -3.02
CA LEU B 204 -5.18 -3.86 -4.48
C LEU B 204 -5.10 -2.44 -5.11
N LYS B 205 -5.89 -1.50 -4.58
CA LYS B 205 -5.92 -0.12 -5.07
C LYS B 205 -4.57 0.57 -4.82
N ALA B 206 -4.00 0.38 -3.63
CA ALA B 206 -2.71 1.00 -3.32
C ALA B 206 -1.56 0.37 -4.07
N ARG B 207 -1.62 -0.95 -4.31
CA ARG B 207 -0.56 -1.64 -5.07
C ARG B 207 -0.50 -1.05 -6.49
N ALA B 208 -1.67 -0.71 -7.04
CA ALA B 208 -1.78 -0.11 -8.36
C ALA B 208 -1.16 1.29 -8.39
N ILE B 209 -1.53 2.15 -7.44
CA ILE B 209 -1.04 3.53 -7.34
C ILE B 209 0.43 3.61 -7.07
N GLU B 210 0.91 2.97 -5.98
CA GLU B 210 2.32 3.06 -5.58
C GLU B 210 3.30 2.54 -6.66
N ASN B 211 2.86 1.58 -7.49
CA ASN B 211 3.69 1.04 -8.55
C ASN B 211 3.33 1.58 -9.94
N ASN B 212 2.33 2.49 -10.04
CA ASN B 212 1.84 3.07 -11.31
C ASN B 212 1.55 1.98 -12.35
N MSE B 213 0.74 0.98 -11.97
CA MSE B 213 0.45 -0.14 -12.87
C MSE B 213 -0.95 -0.69 -12.74
O MSE B 213 -1.65 -0.39 -11.77
CB MSE B 213 1.49 -1.27 -12.61
CG MSE B 213 1.30 -1.96 -11.24
SE MSE B 213 2.87 -3.08 -10.83
CE MSE B 213 2.69 -4.39 -12.34
N PHE B 214 -1.36 -1.54 -13.68
CA PHE B 214 -2.61 -2.27 -13.58
C PHE B 214 -2.51 -3.36 -12.53
N VAL B 215 -3.55 -3.50 -11.74
CA VAL B 215 -3.71 -4.54 -10.72
C VAL B 215 -5.02 -5.29 -10.97
N ILE B 216 -4.93 -6.62 -11.09
CA ILE B 216 -6.06 -7.52 -11.28
C ILE B 216 -6.07 -8.48 -10.10
N GLY B 217 -7.18 -8.48 -9.39
CA GLY B 217 -7.41 -9.35 -8.26
C GLY B 217 -8.42 -10.38 -8.69
N THR B 218 -8.00 -11.64 -8.84
CA THR B 218 -8.88 -12.74 -9.27
C THR B 218 -9.13 -13.60 -8.06
N ASN B 219 -10.36 -13.56 -7.57
CA ASN B 219 -10.73 -14.27 -6.35
C ASN B 219 -11.73 -15.39 -6.58
N SER B 220 -11.79 -16.34 -5.64
CA SER B 220 -12.74 -17.44 -5.66
C SER B 220 -13.99 -16.96 -4.91
N THR B 221 -15.05 -17.78 -4.92
CA THR B 221 -16.27 -17.47 -4.18
C THR B 221 -16.86 -18.73 -3.54
N GLY B 222 -17.89 -18.55 -2.73
CA GLY B 222 -18.58 -19.64 -2.06
C GLY B 222 -18.03 -20.03 -0.70
N PHE B 223 -18.65 -21.05 -0.10
CA PHE B 223 -18.31 -21.62 1.20
C PHE B 223 -17.74 -23.03 0.97
N ASP B 224 -16.68 -23.40 1.69
CA ASP B 224 -16.01 -24.69 1.51
C ASP B 224 -16.19 -25.67 2.70
N GLY B 225 -17.06 -25.30 3.63
CA GLY B 225 -17.33 -26.05 4.84
C GLY B 225 -16.58 -25.51 6.03
N ASN B 226 -15.69 -24.53 5.79
CA ASN B 226 -14.87 -23.88 6.82
C ASN B 226 -14.85 -22.37 6.65
N THR B 227 -14.60 -21.90 5.42
CA THR B 227 -14.45 -20.48 5.09
C THR B 227 -15.36 -20.00 3.98
N GLU B 228 -15.94 -18.81 4.17
CA GLU B 228 -16.73 -18.15 3.15
C GLU B 228 -15.76 -17.22 2.40
N TYR B 229 -15.63 -17.43 1.08
CA TYR B 229 -14.77 -16.61 0.23
C TYR B 229 -15.50 -15.39 -0.28
N ALA B 230 -14.75 -14.30 -0.50
CA ALA B 230 -15.31 -13.00 -0.85
C ALA B 230 -15.90 -12.75 -2.22
N GLY B 231 -15.38 -13.43 -3.24
CA GLY B 231 -15.72 -13.11 -4.62
C GLY B 231 -15.14 -11.72 -4.86
N HIS B 232 -15.92 -10.80 -5.41
CA HIS B 232 -15.49 -9.40 -5.62
C HIS B 232 -14.14 -9.25 -6.33
N SER B 233 -13.93 -9.98 -7.44
CA SER B 233 -12.72 -9.81 -8.26
C SER B 233 -12.74 -8.37 -8.83
N ILE B 234 -11.58 -7.77 -9.05
CA ILE B 234 -11.49 -6.37 -9.45
C ILE B 234 -10.28 -6.08 -10.31
N VAL B 235 -10.43 -5.07 -11.20
CA VAL B 235 -9.37 -4.57 -12.05
C VAL B 235 -9.20 -3.07 -11.73
N ILE B 236 -7.97 -2.65 -11.41
CA ILE B 236 -7.65 -1.27 -11.04
C ILE B 236 -6.59 -0.76 -12.01
N ASN B 237 -6.76 0.47 -12.56
CA ASN B 237 -5.80 1.01 -13.50
C ASN B 237 -4.56 1.70 -12.81
N PRO B 238 -3.52 2.13 -13.57
CA PRO B 238 -2.36 2.78 -12.92
C PRO B 238 -2.65 4.00 -12.04
N ASN B 239 -3.80 4.65 -12.26
CA ASN B 239 -4.21 5.82 -11.49
C ASN B 239 -4.98 5.48 -10.23
N GLY B 240 -5.26 4.19 -10.03
CA GLY B 240 -6.03 3.75 -8.88
C GLY B 240 -7.52 3.72 -9.13
N ASP B 241 -7.96 3.93 -10.39
CA ASP B 241 -9.39 3.91 -10.72
C ASP B 241 -9.92 2.54 -11.14
N LEU B 242 -11.18 2.27 -10.79
CA LEU B 242 -11.87 1.02 -11.13
C LEU B 242 -12.04 0.87 -12.65
N VAL B 243 -11.57 -0.27 -13.20
CA VAL B 243 -11.76 -0.60 -14.61
C VAL B 243 -13.03 -1.48 -14.69
N GLY B 244 -13.15 -2.44 -13.79
CA GLY B 244 -14.27 -3.37 -13.69
C GLY B 244 -14.21 -4.21 -12.45
N GLU B 245 -15.38 -4.69 -11.97
CA GLU B 245 -15.48 -5.51 -10.75
C GLU B 245 -16.67 -6.46 -10.76
N LEU B 246 -16.64 -7.43 -9.84
CA LEU B 246 -17.67 -8.41 -9.61
C LEU B 246 -18.20 -8.26 -8.18
N ASN B 247 -19.28 -9.01 -7.91
CA ASN B 247 -19.89 -9.08 -6.59
CA ASN B 247 -20.02 -9.15 -6.66
C ASN B 247 -19.52 -10.43 -5.97
N GLU B 248 -20.26 -10.92 -4.95
CA GLU B 248 -19.92 -12.18 -4.28
C GLU B 248 -20.16 -13.37 -5.20
N SER B 249 -21.30 -13.39 -5.92
CA SER B 249 -21.68 -14.52 -6.78
C SER B 249 -20.72 -14.84 -7.95
N ALA B 250 -20.63 -16.15 -8.30
CA ALA B 250 -19.79 -16.66 -9.39
C ALA B 250 -20.19 -16.03 -10.74
N ASP B 251 -19.18 -15.70 -11.57
CA ASP B 251 -19.31 -15.06 -12.89
C ASP B 251 -17.93 -14.83 -13.48
N ILE B 252 -17.87 -14.34 -14.73
CA ILE B 252 -16.63 -13.95 -15.41
C ILE B 252 -16.60 -12.43 -15.49
N LEU B 253 -15.39 -11.85 -15.53
CA LEU B 253 -15.20 -10.40 -15.70
C LEU B 253 -14.33 -10.20 -16.94
N THR B 254 -14.84 -9.44 -17.92
CA THR B 254 -14.08 -9.16 -19.12
C THR B 254 -13.72 -7.69 -19.11
N VAL B 255 -12.42 -7.39 -19.23
CA VAL B 255 -11.91 -6.02 -19.25
C VAL B 255 -10.99 -5.82 -20.44
N ASP B 256 -10.94 -4.59 -20.97
CA ASP B 256 -10.04 -4.23 -22.05
C ASP B 256 -9.08 -3.23 -21.46
N LEU B 257 -7.82 -3.62 -21.27
CA LEU B 257 -6.86 -2.74 -20.63
C LEU B 257 -6.13 -1.84 -21.60
N ASN B 258 -6.13 -0.52 -21.33
CA ASN B 258 -5.39 0.45 -22.13
CA ASN B 258 -5.32 0.36 -22.18
C ASN B 258 -3.96 0.44 -21.55
N LEU B 259 -3.07 -0.43 -22.08
CA LEU B 259 -1.68 -0.60 -21.63
C LEU B 259 -0.82 0.64 -21.64
N ASN B 260 -1.14 1.62 -22.53
CA ASN B 260 -0.44 2.90 -22.66
C ASN B 260 -0.50 3.68 -21.34
N GLU B 261 -1.56 3.48 -20.53
CA GLU B 261 -1.75 4.16 -19.23
C GLU B 261 -0.60 3.93 -18.25
N VAL B 262 0.13 2.79 -18.39
CA VAL B 262 1.28 2.49 -17.53
C VAL B 262 2.44 3.44 -17.76
N GLU B 263 2.96 3.50 -19.01
CA GLU B 263 4.05 4.42 -19.32
C GLU B 263 3.62 5.88 -19.09
N GLN B 264 2.31 6.19 -19.30
CA GLN B 264 1.77 7.54 -19.10
C GLN B 264 1.83 7.90 -17.60
N GLN B 265 1.39 6.98 -16.72
CA GLN B 265 1.41 7.15 -15.26
C GLN B 265 2.83 7.23 -14.71
N ARG B 266 3.75 6.40 -15.26
CA ARG B 266 5.17 6.39 -14.87
C ARG B 266 5.89 7.68 -15.31
N GLU B 267 5.44 8.32 -16.40
CA GLU B 267 6.04 9.59 -16.84
C GLU B 267 5.57 10.72 -15.90
N ASN B 268 4.27 10.72 -15.56
CA ASN B 268 3.61 11.71 -14.70
C ASN B 268 4.04 11.68 -13.23
N ILE B 269 4.23 10.47 -12.66
CA ILE B 269 4.63 10.26 -11.25
C ILE B 269 5.85 9.33 -11.23
N PRO B 270 7.05 9.81 -11.63
CA PRO B 270 8.19 8.90 -11.74
C PRO B 270 8.83 8.46 -10.41
N VAL B 271 8.07 7.67 -9.63
CA VAL B 271 8.50 7.14 -8.31
C VAL B 271 9.86 6.42 -8.30
N PHE B 272 10.13 5.61 -9.35
CA PHE B 272 11.38 4.86 -9.37
C PHE B 272 12.65 5.69 -9.63
N LYS B 273 12.48 6.97 -9.97
CA LYS B 273 13.62 7.88 -10.11
C LYS B 273 13.99 8.42 -8.71
N SER B 274 13.12 8.20 -7.69
CA SER B 274 13.30 8.71 -6.33
C SER B 274 13.54 7.63 -5.28
N ILE B 275 13.34 6.35 -5.65
CA ILE B 275 13.48 5.22 -4.75
C ILE B 275 14.90 5.13 -4.19
N LYS B 276 15.04 4.74 -2.92
CA LYS B 276 16.34 4.64 -2.29
C LYS B 276 16.52 3.19 -1.81
N LEU B 277 16.67 2.25 -2.77
CA LEU B 277 16.74 0.81 -2.51
C LEU B 277 17.61 0.33 -1.34
N ASP B 278 18.83 0.85 -1.26
CA ASP B 278 19.82 0.45 -0.28
C ASP B 278 19.65 1.14 1.07
N LEU B 279 18.86 2.21 1.12
CA LEU B 279 18.66 2.97 2.36
C LEU B 279 17.69 2.30 3.32
N TYR B 280 16.54 1.80 2.80
CA TYR B 280 15.49 1.24 3.67
C TYR B 280 15.95 0.14 4.55
N LYS B 281 15.50 0.16 5.81
CA LYS B 281 15.86 -0.89 6.77
C LYS B 281 14.80 -2.03 6.72
C TRS C . 10.82 33.04 17.17
C1 TRS C . 10.55 31.73 17.99
C2 TRS C . 11.49 34.13 18.08
C3 TRS C . 11.64 32.77 15.92
N TRS C . 9.54 33.52 16.63
O1 TRS C . 10.54 31.81 19.43
O2 TRS C . 11.49 35.38 17.42
O3 TRS C . 11.10 31.55 15.29
CL CL D . 1.96 17.15 33.54
C1 PEG E . 2.02 -6.34 12.41
O1 PEG E . 1.62 -5.52 11.41
C2 PEG E . 1.66 -7.82 12.51
O2 PEG E . 2.79 -8.44 12.83
C3 PEG E . 2.68 -9.33 13.77
C4 PEG E . 3.92 -10.02 14.00
O4 PEG E . 3.63 -11.33 13.93
C1 PEG F . 5.79 13.38 -9.63
O1 PEG F . 7.12 13.44 -9.45
C2 PEG F . 5.13 13.46 -8.44
O2 PEG F . 4.17 14.44 -8.57
C3 PEG F . 2.96 14.11 -7.91
C4 PEG F . 1.79 13.99 -8.81
O4 PEG F . 1.60 15.07 -9.73
C1 PGE G . 17.31 33.41 8.18
O1 PGE G . 16.11 33.99 7.73
C2 PGE G . 18.53 34.18 7.77
O2 PGE G . 19.74 33.85 8.46
C3 PGE G . 20.92 33.96 7.64
C4 PGE G . 21.87 32.79 7.65
O4 PGE G . 23.74 29.90 11.09
C6 PGE G . 22.91 30.93 10.67
C5 PGE G . 23.10 31.44 9.27
O3 PGE G . 21.99 32.27 8.97
C1 PGE H . -1.98 22.61 30.73
O1 PGE H . -2.93 21.57 30.59
C2 PGE H . -2.58 23.86 30.27
O2 PGE H . -1.71 24.99 30.36
C3 PGE H . -1.83 25.86 29.23
C4 PGE H . -2.87 26.97 29.33
O4 PGE H . -3.52 30.01 26.19
C6 PGE H . -3.24 29.89 27.59
C5 PGE H . -2.21 28.84 27.86
O3 PGE H . -2.31 28.30 29.19
C1 GOL I . -6.16 12.14 27.07
O1 GOL I . -7.30 12.96 26.87
C2 GOL I . -5.91 11.77 28.54
O2 GOL I . -6.81 12.48 29.42
C3 GOL I . -6.05 10.25 28.66
O3 GOL I . -5.14 9.57 27.80
CL CL J . 1.71 11.46 24.59
CL CL K . 2.03 13.10 -5.47
CL CL L . 19.23 20.41 11.98
C1 PEG M . 10.45 6.40 -14.28
O1 PEG M . 9.50 7.29 -15.07
C2 PEG M . 10.20 6.12 -12.76
O2 PEG M . 9.17 5.12 -12.31
C3 PEG M . 7.87 5.45 -12.40
C4 PEG M . 7.03 4.83 -11.44
O4 PEG M . 6.49 3.45 -11.52
#